data_5DXQ
#
_entry.id   5DXQ
#
_cell.length_a   53.910
_cell.length_b   81.070
_cell.length_c   58.340
_cell.angle_alpha   90.00
_cell.angle_beta   111.09
_cell.angle_gamma   90.00
#
_symmetry.space_group_name_H-M   'P 1 21 1'
#
loop_
_entity.id
_entity.type
_entity.pdbx_description
1 polymer 'Estrogen receptor'
2 polymer 'Nuclear receptor coactivator 2'
3 non-polymer "4,4'-[(1s,5s)-bicyclo[3.3.1]non-9-ylidenemethanediyl]diphenol"
4 water water
#
loop_
_entity_poly.entity_id
_entity_poly.type
_entity_poly.pdbx_seq_one_letter_code
_entity_poly.pdbx_strand_id
1 'polypeptide(L)'
;IKRSKKNSLALSLTADQMVSALLDAEPPILYSEYDPTRPFSEASMMGLLTNLADRELVHMINWAKRVPGFVDLTLHDQVH
LLECAWLEILMIGLVWRSMEHPGKLLFAPNLLLDRNQGKCVEGMVEIFDMLLATSSRFRMMNLQGEEFVCLKSIILLNSG
VYTFLSSTLKSLEEKDHIHRVLDKITDTLIHLMAKAGLTLQQQHQRLAQLLLILSHIRHMSNKGMEHLYSMKCKNVVPLS
DLLLEMLDAHRLHAPTS
;
A,B
2 'polypeptide(L)' KHKILHRLLQDSSS C,D
#
loop_
_chem_comp.id
_chem_comp.type
_chem_comp.name
_chem_comp.formula
5HZ non-polymer 4,4'-[(1s,5s)-bicyclo[3.3.1]non-9-ylidenemethanediyl]diphenol 'C22 H24 O2'
#
# COMPACT_ATOMS: atom_id res chain seq x y z
N LEU A 9 6.06 -26.42 7.83
CA LEU A 9 4.86 -27.20 7.66
C LEU A 9 3.90 -26.55 6.67
N ALA A 10 3.97 -25.22 6.57
CA ALA A 10 3.11 -24.47 5.67
C ALA A 10 3.38 -24.81 4.22
N LEU A 11 4.65 -24.99 3.90
CA LEU A 11 5.07 -25.26 2.54
C LEU A 11 4.62 -26.65 2.08
N SER A 12 4.45 -27.56 3.03
CA SER A 12 4.06 -28.93 2.72
C SER A 12 2.60 -29.02 2.30
N LEU A 13 1.75 -28.20 2.91
CA LEU A 13 0.31 -28.25 2.65
C LEU A 13 -0.03 -27.90 1.20
N THR A 14 -1.01 -28.61 0.65
CA THR A 14 -1.50 -28.31 -0.69
C THR A 14 -2.39 -27.08 -0.64
N ALA A 15 -2.87 -26.66 -1.81
CA ALA A 15 -3.72 -25.48 -1.91
C ALA A 15 -5.04 -25.71 -1.17
N ASP A 16 -5.59 -26.91 -1.30
CA ASP A 16 -6.83 -27.28 -0.62
C ASP A 16 -6.64 -27.29 0.90
N GLN A 17 -5.53 -27.86 1.34
CA GLN A 17 -5.22 -27.94 2.77
C GLN A 17 -4.86 -26.56 3.32
N MET A 18 -4.39 -25.68 2.44
CA MET A 18 -4.08 -24.31 2.81
C MET A 18 -5.36 -23.52 3.06
N VAL A 19 -6.33 -23.68 2.16
CA VAL A 19 -7.63 -23.01 2.28
C VAL A 19 -8.37 -23.51 3.51
N SER A 20 -8.42 -24.82 3.68
CA SER A 20 -9.14 -25.45 4.79
C SER A 20 -8.59 -25.02 6.14
N ALA A 21 -7.28 -24.85 6.21
CA ALA A 21 -6.62 -24.43 7.45
C ALA A 21 -6.96 -22.98 7.79
N LEU A 22 -7.00 -22.13 6.77
CA LEU A 22 -7.31 -20.72 6.97
C LEU A 22 -8.79 -20.54 7.27
N LEU A 23 -9.64 -21.32 6.60
CA LEU A 23 -11.07 -21.27 6.84
C LEU A 23 -11.41 -21.75 8.25
N ASP A 24 -10.60 -22.68 8.76
CA ASP A 24 -10.84 -23.26 10.08
C ASP A 24 -10.31 -22.35 11.19
N ALA A 25 -9.38 -21.46 10.83
CA ALA A 25 -8.76 -20.59 11.80
C ALA A 25 -9.46 -19.24 11.90
N GLU A 26 -10.48 -19.05 11.07
CA GLU A 26 -11.21 -17.80 11.00
C GLU A 26 -11.75 -17.37 12.36
N PRO A 27 -11.46 -16.11 12.76
CA PRO A 27 -11.99 -15.57 14.00
C PRO A 27 -13.50 -15.40 13.92
N PRO A 28 -14.19 -15.46 15.07
CA PRO A 28 -15.65 -15.27 15.07
C PRO A 28 -16.04 -13.84 14.80
N ILE A 29 -17.32 -13.61 14.50
CA ILE A 29 -17.84 -12.27 14.38
C ILE A 29 -18.40 -11.85 15.72
N LEU A 30 -17.73 -10.90 16.37
CA LEU A 30 -18.09 -10.48 17.72
C LEU A 30 -19.23 -9.47 17.68
N TYR A 31 -19.92 -9.34 18.81
CA TYR A 31 -21.01 -8.38 18.92
C TYR A 31 -20.56 -7.12 19.65
N SER A 32 -21.22 -6.01 19.34
CA SER A 32 -20.95 -4.75 20.03
C SER A 32 -21.70 -4.72 21.34
N GLU A 33 -21.34 -3.77 22.20
CA GLU A 33 -22.05 -3.56 23.45
C GLU A 33 -23.45 -3.06 23.14
N TYR A 34 -24.45 -3.81 23.59
CA TYR A 34 -25.85 -3.51 23.28
C TYR A 34 -26.37 -2.27 23.99
N PHE A 40 -25.58 8.11 17.55
CA PHE A 40 -24.37 8.15 18.36
C PHE A 40 -23.70 9.52 18.32
N SER A 41 -22.99 9.85 19.39
CA SER A 41 -22.14 11.03 19.40
C SER A 41 -20.73 10.63 19.01
N GLU A 42 -19.74 11.45 19.34
CA GLU A 42 -18.36 11.09 19.06
C GLU A 42 -17.81 10.16 20.13
N ALA A 43 -18.10 10.48 21.39
CA ALA A 43 -17.59 9.70 22.51
C ALA A 43 -18.18 8.31 22.58
N SER A 44 -19.50 8.21 22.40
CA SER A 44 -20.18 6.93 22.51
C SER A 44 -19.78 5.97 21.40
N MET A 45 -19.65 6.49 20.18
CA MET A 45 -19.29 5.67 19.04
C MET A 45 -17.88 5.12 19.16
N MET A 46 -16.93 5.99 19.49
CA MET A 46 -15.54 5.58 19.62
C MET A 46 -15.36 4.66 20.83
N GLY A 47 -16.24 4.83 21.82
CA GLY A 47 -16.25 3.93 22.97
C GLY A 47 -16.63 2.52 22.57
N LEU A 48 -17.67 2.41 21.75
CA LEU A 48 -18.14 1.11 21.27
C LEU A 48 -17.12 0.44 20.35
N LEU A 49 -16.48 1.25 19.51
CA LEU A 49 -15.53 0.73 18.53
C LEU A 49 -14.23 0.32 19.21
N THR A 50 -13.79 1.10 20.19
CA THR A 50 -12.60 0.77 20.96
C THR A 50 -12.79 -0.55 21.70
N ASN A 51 -13.95 -0.70 22.33
CA ASN A 51 -14.30 -1.93 23.03
C ASN A 51 -14.34 -3.11 22.08
N LEU A 52 -14.93 -2.91 20.91
CA LEU A 52 -15.04 -3.95 19.90
C LEU A 52 -13.68 -4.36 19.36
N ALA A 53 -12.91 -3.37 18.90
CA ALA A 53 -11.60 -3.62 18.31
C ALA A 53 -10.66 -4.32 19.28
N ASP A 54 -10.77 -3.97 20.56
CA ASP A 54 -9.92 -4.56 21.59
C ASP A 54 -10.21 -6.05 21.78
N ARG A 55 -11.48 -6.43 21.65
CA ARG A 55 -11.86 -7.83 21.78
C ARG A 55 -11.55 -8.61 20.50
N GLU A 56 -11.52 -7.91 19.37
CA GLU A 56 -11.18 -8.55 18.10
C GLU A 56 -9.68 -8.86 18.03
N LEU A 57 -8.87 -7.97 18.60
CA LEU A 57 -7.42 -8.15 18.61
C LEU A 57 -7.01 -9.47 19.28
N VAL A 58 -7.69 -9.81 20.37
CA VAL A 58 -7.39 -11.03 21.11
C VAL A 58 -7.66 -12.26 20.25
N HIS A 59 -8.71 -12.19 19.43
CA HIS A 59 -9.02 -13.29 18.51
C HIS A 59 -8.09 -13.30 17.30
N MET A 60 -7.65 -12.10 16.88
CA MET A 60 -6.74 -11.98 15.76
C MET A 60 -5.39 -12.61 16.08
N ILE A 61 -4.90 -12.32 17.29
CA ILE A 61 -3.64 -12.86 17.77
C ILE A 61 -3.65 -14.38 17.77
N ASN A 62 -4.77 -14.95 18.21
CA ASN A 62 -4.93 -16.40 18.22
C ASN A 62 -5.18 -16.94 16.82
N TRP A 63 -5.76 -16.12 15.96
CA TRP A 63 -5.95 -16.49 14.56
C TRP A 63 -4.61 -16.54 13.84
N ALA A 64 -3.76 -15.55 14.11
CA ALA A 64 -2.44 -15.46 13.50
C ALA A 64 -1.59 -16.66 13.83
N LYS A 65 -1.73 -17.17 15.05
CA LYS A 65 -0.96 -18.33 15.48
C LYS A 65 -1.44 -19.59 14.78
N ARG A 66 -2.63 -19.54 14.20
CA ARG A 66 -3.17 -20.67 13.46
C ARG A 66 -2.96 -20.49 11.96
N VAL A 67 -2.20 -19.46 11.60
CA VAL A 67 -1.83 -19.23 10.21
C VAL A 67 -0.55 -19.97 9.88
N PRO A 68 -0.60 -20.85 8.86
CA PRO A 68 0.52 -21.70 8.45
C PRO A 68 1.79 -20.90 8.14
N GLY A 69 2.83 -21.10 8.93
CA GLY A 69 4.10 -20.43 8.72
C GLY A 69 4.36 -19.31 9.72
N PHE A 70 3.31 -18.85 10.37
CA PHE A 70 3.43 -17.76 11.34
C PHE A 70 4.03 -18.25 12.65
N VAL A 71 3.75 -19.51 12.99
CA VAL A 71 4.26 -20.10 14.22
C VAL A 71 5.76 -20.32 14.13
N ASP A 72 6.23 -20.62 12.93
CA ASP A 72 7.64 -20.94 12.69
C ASP A 72 8.55 -19.73 12.89
N LEU A 73 7.95 -18.54 12.83
CA LEU A 73 8.71 -17.31 13.03
C LEU A 73 9.07 -17.11 14.50
N THR A 74 10.08 -16.28 14.76
CA THR A 74 10.47 -15.97 16.12
C THR A 74 9.39 -15.14 16.79
N LEU A 75 9.44 -15.04 18.12
CA LEU A 75 8.46 -14.28 18.88
C LEU A 75 8.51 -12.81 18.49
N HIS A 76 9.73 -12.28 18.31
N HIS A 76 9.73 -12.29 18.30
CA HIS A 76 9.93 -10.90 17.92
CA HIS A 76 9.92 -10.89 17.93
C HIS A 76 9.29 -10.59 16.57
C HIS A 76 9.29 -10.58 16.56
N ASP A 77 9.51 -11.47 15.60
CA ASP A 77 8.98 -11.29 14.25
C ASP A 77 7.46 -11.39 14.23
N GLN A 78 6.91 -12.29 15.04
CA GLN A 78 5.46 -12.42 15.15
C GLN A 78 4.86 -11.13 15.70
N VAL A 79 5.52 -10.55 16.69
CA VAL A 79 5.08 -9.30 17.28
C VAL A 79 5.14 -8.16 16.26
N HIS A 80 6.23 -8.09 15.52
CA HIS A 80 6.43 -7.03 14.55
C HIS A 80 5.37 -7.05 13.45
N LEU A 81 5.04 -8.25 12.96
CA LEU A 81 4.07 -8.39 11.89
C LEU A 81 2.67 -7.98 12.34
N LEU A 82 2.27 -8.40 13.53
CA LEU A 82 0.96 -8.05 14.07
C LEU A 82 0.85 -6.55 14.34
N GLU A 83 1.92 -5.97 14.86
CA GLU A 83 1.94 -4.53 15.15
C GLU A 83 1.79 -3.71 13.88
N CYS A 84 2.34 -4.22 12.79
CA CYS A 84 2.31 -3.52 11.50
C CYS A 84 0.93 -3.56 10.84
N ALA A 85 0.26 -4.71 10.91
CA ALA A 85 -0.91 -4.95 10.07
C ALA A 85 -2.23 -5.12 10.84
N TRP A 86 -2.22 -4.88 12.15
CA TRP A 86 -3.40 -5.16 12.96
C TRP A 86 -4.63 -4.35 12.52
N LEU A 87 -4.42 -3.11 12.12
CA LEU A 87 -5.53 -2.27 11.70
C LEU A 87 -5.95 -2.62 10.28
N GLU A 88 -4.98 -3.02 9.46
CA GLU A 88 -5.28 -3.52 8.12
C GLU A 88 -6.16 -4.75 8.20
N ILE A 89 -5.81 -5.66 9.10
CA ILE A 89 -6.54 -6.92 9.26
C ILE A 89 -7.95 -6.68 9.79
N LEU A 90 -8.09 -5.76 10.75
CA LEU A 90 -9.42 -5.38 11.23
C LEU A 90 -10.26 -4.79 10.10
N MET A 91 -9.63 -3.95 9.29
CA MET A 91 -10.33 -3.27 8.20
C MET A 91 -10.81 -4.22 7.12
N ILE A 92 -9.94 -5.12 6.65
CA ILE A 92 -10.33 -6.05 5.61
C ILE A 92 -11.40 -7.01 6.12
N GLY A 93 -11.41 -7.24 7.43
CA GLY A 93 -12.46 -8.02 8.07
C GLY A 93 -13.76 -7.24 8.06
N LEU A 94 -13.68 -5.96 8.43
CA LEU A 94 -14.82 -5.05 8.41
C LEU A 94 -15.40 -4.94 7.00
N VAL A 95 -14.52 -4.74 6.02
CA VAL A 95 -14.91 -4.60 4.63
C VAL A 95 -15.63 -5.85 4.13
N TRP A 96 -15.12 -7.01 4.51
CA TRP A 96 -15.70 -8.29 4.11
C TRP A 96 -17.08 -8.50 4.76
N ARG A 97 -17.20 -8.14 6.03
CA ARG A 97 -18.47 -8.27 6.75
C ARG A 97 -19.54 -7.36 6.18
N SER A 98 -19.11 -6.24 5.60
CA SER A 98 -20.02 -5.23 5.10
C SER A 98 -20.30 -5.39 3.61
N MET A 99 -19.86 -6.50 3.04
CA MET A 99 -19.98 -6.72 1.61
C MET A 99 -21.43 -6.78 1.15
N GLU A 100 -22.25 -7.54 1.87
CA GLU A 100 -23.65 -7.69 1.52
C GLU A 100 -24.53 -6.68 2.25
N HIS A 101 -23.92 -5.58 2.67
CA HIS A 101 -24.65 -4.45 3.24
C HIS A 101 -24.17 -3.15 2.62
N PRO A 102 -24.51 -2.93 1.34
CA PRO A 102 -24.02 -1.77 0.56
C PRO A 102 -24.41 -0.43 1.18
N GLY A 103 -23.44 0.47 1.31
CA GLY A 103 -23.66 1.76 1.91
C GLY A 103 -23.51 1.70 3.43
N LYS A 104 -23.47 0.48 3.96
CA LYS A 104 -23.36 0.26 5.40
C LYS A 104 -22.04 -0.39 5.76
N LEU A 105 -21.61 -0.17 7.00
CA LEU A 105 -20.42 -0.85 7.53
C LEU A 105 -20.84 -1.73 8.71
N LEU A 106 -20.76 -3.04 8.52
CA LEU A 106 -21.12 -3.98 9.58
C LEU A 106 -19.94 -4.16 10.54
N PHE A 107 -19.78 -3.22 11.47
CA PHE A 107 -18.77 -3.35 12.50
C PHE A 107 -19.10 -4.54 13.38
N ALA A 108 -20.39 -4.70 13.66
CA ALA A 108 -20.91 -5.84 14.40
C ALA A 108 -22.32 -6.11 13.93
N PRO A 109 -22.81 -7.36 14.07
CA PRO A 109 -24.17 -7.69 13.65
C PRO A 109 -25.22 -6.77 14.28
N ASN A 110 -24.93 -6.25 15.47
CA ASN A 110 -25.83 -5.33 16.14
C ASN A 110 -25.31 -3.89 16.11
N LEU A 111 -24.33 -3.64 15.25
CA LEU A 111 -23.77 -2.30 15.10
C LEU A 111 -23.52 -1.97 13.63
N LEU A 112 -24.59 -1.56 12.93
CA LEU A 112 -24.50 -1.19 11.53
C LEU A 112 -24.38 0.33 11.40
N LEU A 113 -23.27 0.80 10.85
CA LEU A 113 -23.02 2.23 10.76
C LEU A 113 -23.16 2.77 9.33
N ASP A 114 -23.75 3.96 9.22
CA ASP A 114 -23.99 4.59 7.93
C ASP A 114 -22.90 5.63 7.63
N ARG A 115 -22.86 6.10 6.39
CA ARG A 115 -21.90 7.12 6.00
C ARG A 115 -22.17 8.43 6.72
N ASN A 116 -23.45 8.69 6.98
CA ASN A 116 -23.86 9.90 7.70
C ASN A 116 -23.54 9.81 9.18
N GLN A 117 -23.34 8.60 9.68
CA GLN A 117 -23.00 8.38 11.07
C GLN A 117 -21.50 8.60 11.31
N GLY A 118 -20.73 8.64 10.23
CA GLY A 118 -19.31 8.88 10.34
C GLY A 118 -18.99 10.37 10.35
N LYS A 119 -20.04 11.19 10.27
CA LYS A 119 -19.87 12.64 10.21
C LYS A 119 -19.70 13.26 11.59
N CYS A 120 -20.25 12.62 12.61
CA CYS A 120 -20.18 13.16 13.98
C CYS A 120 -18.85 12.85 14.66
N VAL A 121 -17.86 12.41 13.87
CA VAL A 121 -16.49 12.30 14.34
C VAL A 121 -15.58 12.96 13.29
N GLU A 122 -14.81 13.95 13.74
CA GLU A 122 -14.00 14.75 12.84
C GLU A 122 -12.90 13.94 12.15
N GLY A 123 -13.01 13.85 10.82
CA GLY A 123 -12.02 13.15 10.03
C GLY A 123 -12.26 11.66 9.91
N MET A 124 -13.50 11.25 10.16
CA MET A 124 -13.84 9.83 10.12
C MET A 124 -14.73 9.50 8.93
N VAL A 125 -15.44 10.51 8.43
CA VAL A 125 -16.33 10.32 7.29
C VAL A 125 -15.51 10.04 6.02
N GLU A 126 -14.26 10.48 6.01
CA GLU A 126 -13.37 10.24 4.88
C GLU A 126 -12.89 8.80 4.89
N ILE A 127 -12.67 8.26 6.07
CA ILE A 127 -12.25 6.87 6.23
C ILE A 127 -13.41 5.92 5.94
N PHE A 128 -14.61 6.36 6.30
CA PHE A 128 -15.83 5.58 6.03
C PHE A 128 -16.02 5.35 4.54
N ASP A 129 -15.88 6.41 3.75
CA ASP A 129 -16.07 6.33 2.31
C ASP A 129 -15.07 5.40 1.65
N MET A 130 -13.82 5.45 2.11
CA MET A 130 -12.78 4.56 1.58
C MET A 130 -13.10 3.11 1.91
N LEU A 131 -13.58 2.86 3.12
CA LEU A 131 -13.98 1.52 3.54
C LEU A 131 -15.16 1.04 2.71
N LEU A 132 -16.17 1.90 2.56
CA LEU A 132 -17.35 1.59 1.77
C LEU A 132 -16.99 1.29 0.32
N ALA A 133 -16.05 2.06 -0.22
CA ALA A 133 -15.61 1.86 -1.59
C ALA A 133 -14.90 0.52 -1.77
N THR A 134 -14.14 0.12 -0.76
CA THR A 134 -13.44 -1.16 -0.80
C THR A 134 -14.44 -2.32 -0.75
N SER A 135 -15.47 -2.16 0.09
CA SER A 135 -16.53 -3.15 0.19
C SER A 135 -17.30 -3.24 -1.12
N SER A 136 -17.51 -2.09 -1.76
CA SER A 136 -18.19 -2.04 -3.04
C SER A 136 -17.35 -2.73 -4.11
N ARG A 137 -16.03 -2.57 -4.00
CA ARG A 137 -15.11 -3.18 -4.95
C ARG A 137 -15.11 -4.71 -4.82
N PHE A 138 -15.19 -5.20 -3.59
CA PHE A 138 -15.26 -6.63 -3.34
C PHE A 138 -16.57 -7.21 -3.88
N ARG A 139 -17.64 -6.45 -3.73
CA ARG A 139 -18.96 -6.88 -4.17
C ARG A 139 -19.02 -6.98 -5.69
N MET A 140 -18.37 -6.03 -6.37
CA MET A 140 -18.33 -6.02 -7.82
C MET A 140 -17.46 -7.16 -8.35
N MET A 141 -16.41 -7.49 -7.62
CA MET A 141 -15.50 -8.56 -8.00
C MET A 141 -16.02 -9.93 -7.60
N ASN A 142 -17.10 -9.93 -6.81
CA ASN A 142 -17.66 -11.15 -6.26
C ASN A 142 -16.61 -11.93 -5.49
N LEU A 143 -15.98 -11.25 -4.52
CA LEU A 143 -14.92 -11.83 -3.72
C LEU A 143 -15.41 -13.04 -2.92
N GLN A 144 -14.68 -14.15 -3.03
CA GLN A 144 -15.06 -15.37 -2.32
C GLN A 144 -14.41 -15.43 -0.94
N GLY A 145 -15.05 -16.17 -0.04
CA GLY A 145 -14.55 -16.34 1.31
C GLY A 145 -13.18 -17.00 1.33
N GLU A 146 -12.96 -17.91 0.39
CA GLU A 146 -11.69 -18.60 0.25
C GLU A 146 -10.60 -17.62 -0.19
N GLU A 147 -10.98 -16.68 -1.05
CA GLU A 147 -10.06 -15.65 -1.51
C GLU A 147 -9.74 -14.67 -0.37
N PHE A 148 -10.77 -14.35 0.42
CA PHE A 148 -10.65 -13.39 1.50
C PHE A 148 -9.68 -13.84 2.58
N VAL A 149 -9.72 -15.12 2.96
CA VAL A 149 -8.84 -15.62 4.00
C VAL A 149 -7.38 -15.67 3.52
N CYS A 150 -7.19 -15.79 2.21
CA CYS A 150 -5.85 -15.74 1.64
C CYS A 150 -5.29 -14.34 1.68
N LEU A 151 -6.12 -13.36 1.28
CA LEU A 151 -5.72 -11.96 1.31
C LEU A 151 -5.38 -11.48 2.70
N LYS A 152 -6.17 -11.87 3.69
CA LYS A 152 -5.95 -11.45 5.06
C LYS A 152 -4.63 -12.01 5.60
N SER A 153 -4.32 -13.26 5.25
CA SER A 153 -3.07 -13.89 5.64
C SER A 153 -1.89 -13.22 4.95
N ILE A 154 -2.09 -12.78 3.72
CA ILE A 154 -1.05 -12.07 2.97
C ILE A 154 -0.71 -10.76 3.67
N ILE A 155 -1.74 -10.02 4.08
CA ILE A 155 -1.55 -8.77 4.81
C ILE A 155 -0.73 -8.99 6.08
N LEU A 156 -1.01 -10.09 6.77
CA LEU A 156 -0.31 -10.41 8.01
C LEU A 156 1.19 -10.63 7.78
N LEU A 157 1.52 -11.33 6.70
CA LEU A 157 2.91 -11.74 6.45
C LEU A 157 3.69 -10.71 5.64
N ASN A 158 2.99 -9.90 4.86
CA ASN A 158 3.65 -8.96 3.95
C ASN A 158 3.86 -7.57 4.54
N SER A 159 2.84 -7.03 5.19
CA SER A 159 2.84 -5.62 5.62
C SER A 159 4.06 -5.19 6.42
N GLY A 160 4.65 -6.13 7.17
CA GLY A 160 5.83 -5.80 7.98
C GLY A 160 7.03 -6.65 7.66
N VAL A 161 7.17 -7.04 6.40
CA VAL A 161 8.26 -7.94 6.00
C VAL A 161 9.50 -7.17 5.54
N TYR A 162 9.31 -5.92 5.12
CA TYR A 162 10.42 -5.11 4.64
C TYR A 162 10.89 -4.13 5.71
N THR A 163 10.19 -4.12 6.84
CA THR A 163 10.62 -3.32 7.99
C THR A 163 11.48 -4.18 8.91
N PHE A 164 11.98 -5.30 8.38
CA PHE A 164 12.88 -6.18 9.11
C PHE A 164 14.33 -5.73 8.96
N LYS A 175 13.15 -14.05 6.64
CA LYS A 175 12.59 -13.29 5.53
C LYS A 175 12.31 -14.18 4.33
N ASP A 176 13.23 -15.10 4.06
CA ASP A 176 13.09 -16.03 2.95
C ASP A 176 11.92 -16.97 3.17
N HIS A 177 11.69 -17.35 4.42
CA HIS A 177 10.58 -18.23 4.76
C HIS A 177 9.25 -17.51 4.59
N ILE A 178 9.17 -16.27 5.03
CA ILE A 178 7.96 -15.47 4.89
C ILE A 178 7.61 -15.28 3.42
N HIS A 179 8.62 -15.01 2.61
CA HIS A 179 8.43 -14.86 1.17
C HIS A 179 8.03 -16.19 0.52
N ARG A 180 8.45 -17.30 1.13
CA ARG A 180 8.08 -18.62 0.63
C ARG A 180 6.64 -18.96 0.96
N VAL A 181 6.18 -18.55 2.13
CA VAL A 181 4.78 -18.75 2.52
C VAL A 181 3.88 -17.85 1.69
N LEU A 182 4.37 -16.63 1.40
CA LEU A 182 3.64 -15.69 0.56
C LEU A 182 3.44 -16.27 -0.84
N ASP A 183 4.47 -16.93 -1.35
CA ASP A 183 4.40 -17.59 -2.65
C ASP A 183 3.38 -18.73 -2.60
N LYS A 184 3.32 -19.43 -1.47
CA LYS A 184 2.37 -20.53 -1.30
C LYS A 184 0.93 -20.03 -1.33
N ILE A 185 0.67 -18.92 -0.66
CA ILE A 185 -0.66 -18.34 -0.64
C ILE A 185 -1.02 -17.82 -2.04
N THR A 186 -0.02 -17.34 -2.77
CA THR A 186 -0.21 -16.93 -4.16
C THR A 186 -0.63 -18.14 -5.01
N ASP A 187 0.10 -19.23 -4.85
CA ASP A 187 -0.24 -20.48 -5.54
C ASP A 187 -1.65 -20.92 -5.17
N THR A 188 -2.01 -20.71 -3.91
CA THR A 188 -3.33 -21.07 -3.40
C THR A 188 -4.41 -20.19 -4.03
N LEU A 189 -4.11 -18.90 -4.14
CA LEU A 189 -5.04 -17.95 -4.76
C LEU A 189 -5.36 -18.32 -6.20
N ILE A 190 -4.31 -18.55 -6.99
CA ILE A 190 -4.46 -18.96 -8.38
C ILE A 190 -5.25 -20.26 -8.49
N HIS A 191 -4.94 -21.20 -7.60
CA HIS A 191 -5.61 -22.49 -7.56
C HIS A 191 -7.13 -22.36 -7.44
N LEU A 192 -7.56 -21.43 -6.59
CA LEU A 192 -8.99 -21.19 -6.38
C LEU A 192 -9.65 -20.66 -7.65
N MET A 193 -8.97 -19.73 -8.33
CA MET A 193 -9.48 -19.16 -9.57
C MET A 193 -9.46 -20.18 -10.69
N ALA A 194 -8.43 -21.02 -10.71
CA ALA A 194 -8.32 -22.07 -11.71
C ALA A 194 -9.41 -23.12 -11.52
N LYS A 195 -9.86 -23.27 -10.28
CA LYS A 195 -10.94 -24.20 -9.97
C LYS A 195 -12.29 -23.54 -10.16
N ALA A 196 -12.31 -22.22 -10.24
CA ALA A 196 -13.54 -21.46 -10.45
C ALA A 196 -13.93 -21.44 -11.93
N GLY A 197 -12.97 -21.76 -12.80
CA GLY A 197 -13.23 -21.83 -14.22
C GLY A 197 -12.67 -20.67 -15.01
N LEU A 198 -11.88 -19.83 -14.35
CA LEU A 198 -11.25 -18.68 -15.00
C LEU A 198 -10.10 -19.11 -15.90
N THR A 199 -9.94 -18.43 -17.02
CA THR A 199 -8.83 -18.72 -17.92
C THR A 199 -7.53 -18.15 -17.35
N LEU A 200 -6.41 -18.49 -17.99
CA LEU A 200 -5.09 -18.08 -17.50
C LEU A 200 -4.95 -16.58 -17.33
N GLN A 201 -5.32 -15.81 -18.35
CA GLN A 201 -5.19 -14.36 -18.28
C GLN A 201 -6.21 -13.77 -17.31
N GLN A 202 -7.33 -14.47 -17.12
CA GLN A 202 -8.34 -14.03 -16.16
C GLN A 202 -7.84 -14.24 -14.73
N GLN A 203 -6.98 -15.23 -14.55
CA GLN A 203 -6.40 -15.51 -13.25
C GLN A 203 -5.35 -14.46 -12.88
N HIS A 204 -4.54 -14.08 -13.86
CA HIS A 204 -3.51 -13.06 -13.66
C HIS A 204 -4.14 -11.72 -13.33
N GLN A 205 -5.19 -11.37 -14.07
CA GLN A 205 -5.85 -10.09 -13.91
C GLN A 205 -6.57 -9.99 -12.58
N ARG A 206 -7.27 -11.05 -12.19
CA ARG A 206 -8.00 -11.06 -10.92
C ARG A 206 -7.05 -11.04 -9.74
N LEU A 207 -5.95 -11.78 -9.85
CA LEU A 207 -4.92 -11.78 -8.82
C LEU A 207 -4.36 -10.39 -8.63
N ALA A 208 -4.02 -9.73 -9.74
CA ALA A 208 -3.49 -8.38 -9.71
C ALA A 208 -4.50 -7.40 -9.11
N GLN A 209 -5.77 -7.56 -9.47
CA GLN A 209 -6.82 -6.70 -8.96
C GLN A 209 -6.96 -6.82 -7.44
N LEU A 210 -6.88 -8.03 -6.93
CA LEU A 210 -6.97 -8.27 -5.49
C LEU A 210 -5.81 -7.63 -4.75
N LEU A 211 -4.59 -7.86 -5.24
CA LEU A 211 -3.38 -7.38 -4.58
C LEU A 211 -3.27 -5.86 -4.62
N LEU A 212 -3.86 -5.24 -5.63
CA LEU A 212 -3.85 -3.79 -5.74
C LEU A 212 -4.74 -3.15 -4.69
N ILE A 213 -5.78 -3.89 -4.26
CA ILE A 213 -6.69 -3.40 -3.24
C ILE A 213 -5.99 -3.34 -1.88
N LEU A 214 -5.04 -4.26 -1.68
CA LEU A 214 -4.26 -4.29 -0.44
C LEU A 214 -3.45 -3.02 -0.26
N SER A 215 -3.06 -2.39 -1.37
CA SER A 215 -2.35 -1.12 -1.32
C SER A 215 -3.26 -0.03 -0.75
N HIS A 216 -4.55 -0.11 -1.07
CA HIS A 216 -5.52 0.85 -0.59
CA HIS A 216 -5.52 0.86 -0.58
C HIS A 216 -5.90 0.58 0.87
N ILE A 217 -5.88 -0.69 1.25
CA ILE A 217 -6.15 -1.09 2.62
C ILE A 217 -5.05 -0.54 3.52
N ARG A 218 -3.82 -0.57 3.04
CA ARG A 218 -2.70 0.03 3.75
C ARG A 218 -2.90 1.52 3.94
N HIS A 219 -3.38 2.18 2.88
CA HIS A 219 -3.64 3.61 2.92
C HIS A 219 -4.68 3.97 3.96
N MET A 220 -5.78 3.22 3.98
CA MET A 220 -6.84 3.43 4.97
C MET A 220 -6.29 3.23 6.37
N SER A 221 -5.46 2.20 6.54
CA SER A 221 -4.87 1.88 7.82
C SER A 221 -4.02 3.02 8.37
N ASN A 222 -3.18 3.59 7.51
CA ASN A 222 -2.32 4.70 7.93
C ASN A 222 -3.15 5.95 8.25
N LYS A 223 -4.26 6.11 7.55
CA LYS A 223 -5.17 7.22 7.82
C LYS A 223 -5.91 7.01 9.14
N GLY A 224 -6.40 5.79 9.34
CA GLY A 224 -7.09 5.44 10.57
C GLY A 224 -6.17 5.48 11.77
N MET A 225 -4.93 5.04 11.56
CA MET A 225 -3.92 5.07 12.61
C MET A 225 -3.67 6.49 13.10
N GLU A 226 -3.60 7.42 12.15
CA GLU A 226 -3.39 8.82 12.47
C GLU A 226 -4.62 9.40 13.16
N HIS A 227 -5.78 8.84 12.84
CA HIS A 227 -7.03 9.26 13.47
C HIS A 227 -7.10 8.79 14.91
N LEU A 228 -6.63 7.57 15.16
CA LEU A 228 -6.61 7.01 16.51
C LEU A 228 -5.58 7.73 17.38
N TYR A 229 -4.53 8.26 16.74
CA TYR A 229 -3.49 8.97 17.44
C TYR A 229 -4.02 10.32 17.94
N SER A 230 -4.93 10.92 17.17
CA SER A 230 -5.60 12.14 17.58
C SER A 230 -6.46 11.87 18.81
N MET A 231 -7.03 10.68 18.84
CA MET A 231 -7.86 10.24 19.96
C MET A 231 -7.06 10.12 21.24
N LYS A 232 -5.86 9.57 21.13
CA LYS A 232 -4.96 9.46 22.27
C LYS A 232 -4.51 10.84 22.75
N CYS A 233 -4.25 11.72 21.79
CA CYS A 233 -3.87 13.10 22.09
C CYS A 233 -5.10 13.96 22.33
N LYS A 234 -6.03 13.45 23.14
CA LYS A 234 -7.25 14.16 23.47
C LYS A 234 -7.92 13.53 24.69
N ASN A 235 -7.41 12.36 25.09
CA ASN A 235 -7.95 11.62 26.22
C ASN A 235 -9.46 11.41 26.14
N VAL A 237 -12.08 9.22 24.40
CA VAL A 237 -12.29 7.96 25.09
C VAL A 237 -10.97 7.29 25.46
N PRO A 238 -10.94 6.55 26.58
CA PRO A 238 -9.73 5.84 26.99
C PRO A 238 -9.48 4.59 26.16
N LEU A 239 -8.37 4.56 25.43
CA LEU A 239 -7.98 3.38 24.68
C LEU A 239 -7.52 2.29 25.64
N SER A 240 -7.70 1.03 25.24
CA SER A 240 -7.27 -0.08 26.06
C SER A 240 -5.75 -0.17 26.09
N ASP A 241 -5.22 -0.88 27.09
CA ASP A 241 -3.78 -1.05 27.23
C ASP A 241 -3.18 -1.75 26.01
N LEU A 242 -3.91 -2.73 25.48
CA LEU A 242 -3.45 -3.48 24.31
C LEU A 242 -3.44 -2.58 23.08
N LEU A 243 -4.51 -1.82 22.89
CA LEU A 243 -4.62 -0.91 21.75
C LEU A 243 -3.55 0.16 21.79
N LEU A 244 -3.26 0.67 22.99
CA LEU A 244 -2.23 1.68 23.16
C LEU A 244 -0.85 1.16 22.77
N GLU A 245 -0.62 -0.13 23.01
CA GLU A 245 0.66 -0.73 22.63
C GLU A 245 0.75 -0.91 21.11
N MET A 246 -0.34 -1.41 20.51
CA MET A 246 -0.40 -1.58 19.06
C MET A 246 -0.27 -0.23 18.36
N LEU A 247 -0.82 0.80 18.99
CA LEU A 247 -0.79 2.15 18.44
C LEU A 247 0.61 2.75 18.53
N ASP A 248 1.26 2.57 19.69
CA ASP A 248 2.58 3.12 19.93
C ASP A 248 3.64 2.52 19.01
N ALA A 249 3.35 1.34 18.47
CA ALA A 249 4.28 0.66 17.57
C ALA A 249 4.42 1.39 16.24
N HIS A 250 3.56 2.37 16.01
CA HIS A 250 3.60 3.16 14.78
C HIS A 250 4.19 4.55 15.01
N ARG A 251 4.82 4.74 16.16
CA ARG A 251 5.48 5.99 16.53
C ARG A 251 4.55 7.19 16.43
N ASN B 7 -13.82 5.65 -28.10
CA ASN B 7 -12.82 4.60 -28.07
C ASN B 7 -11.49 5.07 -27.50
N SER B 8 -10.57 4.15 -27.29
CA SER B 8 -9.25 4.47 -26.74
C SER B 8 -8.14 3.82 -27.56
N LEU B 9 -6.91 4.17 -27.24
CA LEU B 9 -5.75 3.64 -27.95
C LEU B 9 -4.88 2.77 -27.04
N ALA B 10 -5.04 2.93 -25.73
CA ALA B 10 -4.28 2.17 -24.75
C ALA B 10 -4.67 0.71 -24.76
N LEU B 11 -5.96 0.44 -24.92
CA LEU B 11 -6.48 -0.93 -24.95
C LEU B 11 -6.02 -1.66 -26.21
N SER B 12 -5.72 -0.91 -27.26
CA SER B 12 -5.35 -1.47 -28.55
C SER B 12 -3.89 -1.94 -28.59
N LEU B 13 -3.02 -1.22 -27.88
CA LEU B 13 -1.59 -1.50 -27.91
C LEU B 13 -1.26 -2.90 -27.38
N THR B 14 -0.35 -3.58 -28.06
CA THR B 14 0.13 -4.87 -27.60
C THR B 14 1.09 -4.68 -26.43
N ALA B 15 1.51 -5.78 -25.82
CA ALA B 15 2.41 -5.73 -24.67
C ALA B 15 3.74 -5.08 -25.03
N ASP B 16 4.29 -5.47 -26.19
CA ASP B 16 5.56 -4.92 -26.65
C ASP B 16 5.44 -3.42 -26.92
N GLN B 17 4.32 -3.01 -27.52
CA GLN B 17 4.08 -1.61 -27.80
C GLN B 17 3.75 -0.85 -26.52
N MET B 18 3.22 -1.57 -25.54
CA MET B 18 2.96 -1.00 -24.22
C MET B 18 4.27 -0.66 -23.52
N VAL B 19 5.17 -1.64 -23.48
CA VAL B 19 6.49 -1.46 -22.89
C VAL B 19 7.25 -0.32 -23.56
N SER B 20 7.23 -0.32 -24.90
CA SER B 20 7.93 0.67 -25.69
C SER B 20 7.44 2.08 -25.36
N ALA B 21 6.13 2.26 -25.32
CA ALA B 21 5.54 3.56 -25.01
C ALA B 21 5.97 4.04 -23.63
N LEU B 22 5.95 3.14 -22.65
CA LEU B 22 6.33 3.48 -21.28
C LEU B 22 7.82 3.82 -21.18
N LEU B 23 8.65 3.03 -21.86
CA LEU B 23 10.09 3.26 -21.85
C LEU B 23 10.43 4.58 -22.53
N ASP B 24 9.74 4.89 -23.62
CA ASP B 24 9.96 6.14 -24.34
CA ASP B 24 9.96 6.14 -24.34
C ASP B 24 9.50 7.34 -23.52
N ALA B 25 8.56 7.10 -22.62
CA ALA B 25 7.98 8.15 -21.80
C ALA B 25 8.81 8.49 -20.57
N GLU B 26 9.83 7.68 -20.30
CA GLU B 26 10.62 7.81 -19.08
C GLU B 26 11.21 9.20 -18.91
N PRO B 27 10.96 9.81 -17.74
CA PRO B 27 11.54 11.12 -17.41
C PRO B 27 13.05 11.00 -17.21
N PRO B 28 13.77 12.10 -17.41
CA PRO B 28 15.22 12.09 -17.19
C PRO B 28 15.57 12.02 -15.71
N ILE B 29 16.83 11.74 -15.42
CA ILE B 29 17.30 11.79 -14.04
C ILE B 29 17.91 13.17 -13.78
N LEU B 30 17.25 13.95 -12.94
CA LEU B 30 17.65 15.32 -12.70
C LEU B 30 18.80 15.40 -11.70
N TYR B 31 19.62 16.45 -11.84
CA TYR B 31 20.75 16.66 -10.94
C TYR B 31 20.36 17.54 -9.77
N SER B 32 21.11 17.42 -8.67
CA SER B 32 20.88 18.26 -7.49
C SER B 32 21.78 19.49 -7.53
N GLU B 33 21.55 20.41 -6.61
CA GLU B 33 22.38 21.61 -6.49
C GLU B 33 23.50 21.36 -5.50
N TYR B 34 23.69 20.09 -5.17
CA TYR B 34 24.61 19.68 -4.10
C TYR B 34 26.07 19.89 -4.46
N ASP B 35 26.75 20.63 -3.60
CA ASP B 35 28.20 20.76 -3.69
C ASP B 35 28.82 20.19 -2.42
N PRO B 36 29.68 19.17 -2.57
CA PRO B 36 30.31 18.51 -1.41
C PRO B 36 31.31 19.40 -0.68
N THR B 37 30.90 20.64 -0.41
CA THR B 37 31.68 21.57 0.40
C THR B 37 31.26 21.44 1.86
N ARG B 38 30.27 22.23 2.25
CA ARG B 38 29.66 22.13 3.58
C ARG B 38 28.86 20.84 3.71
N PRO B 39 28.88 20.21 4.90
CA PRO B 39 27.97 19.07 5.10
C PRO B 39 26.51 19.52 5.17
N PHE B 40 25.60 18.62 5.49
CA PHE B 40 24.18 18.95 5.46
C PHE B 40 23.59 19.22 6.84
N SER B 41 22.96 20.38 6.99
CA SER B 41 22.13 20.66 8.15
C SER B 41 20.74 20.12 7.85
N GLU B 42 19.85 20.15 8.84
CA GLU B 42 18.50 19.65 8.62
C GLU B 42 17.74 20.53 7.62
N ALA B 43 18.21 21.76 7.47
CA ALA B 43 17.57 22.72 6.57
C ALA B 43 18.13 22.63 5.15
N SER B 44 19.44 22.49 5.05
CA SER B 44 20.11 22.48 3.74
C SER B 44 19.78 21.22 2.95
N MET B 45 19.79 20.08 3.63
CA MET B 45 19.49 18.81 2.98
C MET B 45 18.05 18.79 2.46
N MET B 46 17.11 19.19 3.30
CA MET B 46 15.71 19.24 2.90
C MET B 46 15.49 20.33 1.87
N GLY B 47 16.35 21.35 1.88
CA GLY B 47 16.30 22.38 0.87
C GLY B 47 16.64 21.84 -0.50
N LEU B 48 17.70 21.03 -0.56
CA LEU B 48 18.11 20.39 -1.80
C LEU B 48 17.04 19.43 -2.32
N LEU B 49 16.52 18.61 -1.43
CA LEU B 49 15.54 17.59 -1.80
C LEU B 49 14.24 18.23 -2.28
N THR B 50 13.85 19.33 -1.65
CA THR B 50 12.64 20.05 -2.04
C THR B 50 12.80 20.67 -3.42
N ASN B 51 13.96 21.25 -3.67
CA ASN B 51 14.28 21.80 -4.99
C ASN B 51 14.29 20.72 -6.06
N LEU B 52 14.84 19.56 -5.70
CA LEU B 52 14.92 18.43 -6.62
C LEU B 52 13.54 17.85 -6.91
N ALA B 53 12.77 17.59 -5.85
CA ALA B 53 11.45 17.00 -5.99
C ALA B 53 10.50 17.90 -6.77
N ASP B 54 10.62 19.21 -6.55
CA ASP B 54 9.79 20.19 -7.24
C ASP B 54 10.05 20.17 -8.74
N ARG B 55 11.30 19.97 -9.12
CA ARG B 55 11.66 19.91 -10.54
C ARG B 55 11.28 18.57 -11.13
N GLU B 56 11.38 17.51 -10.34
CA GLU B 56 10.98 16.18 -10.79
C GLU B 56 9.49 16.12 -11.10
N LEU B 57 8.70 16.84 -10.31
CA LEU B 57 7.25 16.86 -10.47
C LEU B 57 6.84 17.35 -11.86
N VAL B 58 7.54 18.34 -12.38
CA VAL B 58 7.23 18.91 -13.68
C VAL B 58 7.39 17.86 -14.78
N HIS B 59 8.39 17.00 -14.63
CA HIS B 59 8.61 15.92 -15.59
C HIS B 59 7.61 14.80 -15.39
N MET B 60 7.20 14.57 -14.15
CA MET B 60 6.23 13.53 -13.84
C MET B 60 4.86 13.82 -14.44
N ILE B 61 4.44 15.08 -14.32
CA ILE B 61 3.17 15.53 -14.86
C ILE B 61 3.11 15.32 -16.37
N ASN B 62 4.20 15.68 -17.05
CA ASN B 62 4.28 15.47 -18.48
C ASN B 62 4.52 14.00 -18.83
N TRP B 63 5.11 13.26 -17.89
CA TRP B 63 5.27 11.82 -18.06
C TRP B 63 3.92 11.12 -17.97
N ALA B 64 3.11 11.55 -17.02
CA ALA B 64 1.79 10.98 -16.81
C ALA B 64 0.92 11.11 -18.07
N LYS B 65 1.09 12.23 -18.76
CA LYS B 65 0.35 12.48 -20.00
C LYS B 65 0.82 11.56 -21.13
N ARG B 66 1.96 10.91 -20.92
CA ARG B 66 2.51 9.99 -21.90
C ARG B 66 2.08 8.55 -21.59
N VAL B 67 1.57 8.34 -20.38
CA VAL B 67 1.09 7.04 -19.96
C VAL B 67 -0.23 6.70 -20.66
N PRO B 68 -0.26 5.59 -21.41
CA PRO B 68 -1.42 5.14 -22.18
C PRO B 68 -2.70 5.07 -21.36
N GLY B 69 -3.70 5.88 -21.74
CA GLY B 69 -4.98 5.87 -21.07
C GLY B 69 -5.22 7.09 -20.19
N PHE B 70 -4.13 7.69 -19.72
CA PHE B 70 -4.20 8.81 -18.78
C PHE B 70 -4.77 10.06 -19.45
N VAL B 71 -4.55 10.18 -20.76
CA VAL B 71 -5.05 11.32 -21.52
C VAL B 71 -6.56 11.23 -21.70
N ASP B 72 -7.06 10.01 -21.81
CA ASP B 72 -8.48 9.77 -22.02
C ASP B 72 -9.31 10.19 -20.81
N LEU B 73 -8.67 10.28 -19.65
CA LEU B 73 -9.36 10.67 -18.42
C LEU B 73 -9.65 12.16 -18.41
N THR B 74 -10.58 12.57 -17.54
CA THR B 74 -10.92 13.98 -17.40
C THR B 74 -9.79 14.74 -16.73
N LEU B 75 -9.81 16.06 -16.85
CA LEU B 75 -8.80 16.90 -16.23
C LEU B 75 -8.88 16.77 -14.70
N HIS B 76 -10.09 16.64 -14.19
CA HIS B 76 -10.31 16.49 -12.76
C HIS B 76 -9.74 15.17 -12.23
N ASP B 77 -9.95 14.09 -12.98
CA ASP B 77 -9.48 12.77 -12.58
C ASP B 77 -7.96 12.68 -12.64
N GLN B 78 -7.37 13.32 -13.65
CA GLN B 78 -5.93 13.34 -13.80
C GLN B 78 -5.26 14.02 -12.62
N VAL B 79 -5.86 15.13 -12.18
CA VAL B 79 -5.39 15.88 -11.02
C VAL B 79 -5.44 15.01 -9.77
N HIS B 80 -6.54 14.31 -9.58
CA HIS B 80 -6.74 13.45 -8.42
C HIS B 80 -5.70 12.34 -8.35
N LEU B 81 -5.46 11.67 -9.48
CA LEU B 81 -4.52 10.56 -9.53
C LEU B 81 -3.10 11.00 -9.24
N LEU B 82 -2.73 12.18 -9.72
CA LEU B 82 -1.39 12.71 -9.49
C LEU B 82 -1.23 13.23 -8.07
N GLU B 83 -2.30 13.85 -7.54
CA GLU B 83 -2.27 14.35 -6.18
C GLU B 83 -2.11 13.23 -5.17
N CYS B 84 -2.65 12.06 -5.50
CA CYS B 84 -2.62 10.92 -4.59
C CYS B 84 -1.31 10.13 -4.66
N ALA B 85 -0.70 10.08 -5.83
CA ALA B 85 0.41 9.15 -6.05
C ALA B 85 1.76 9.80 -6.34
N TRP B 86 1.85 11.13 -6.29
CA TRP B 86 3.08 11.81 -6.70
C TRP B 86 4.29 11.41 -5.86
N LEU B 87 4.11 11.23 -4.56
CA LEU B 87 5.22 10.86 -3.70
C LEU B 87 5.57 9.38 -3.88
N GLU B 88 4.56 8.55 -4.13
CA GLU B 88 4.78 7.13 -4.43
C GLU B 88 5.66 6.98 -5.67
N ILE B 89 5.32 7.73 -6.72
CA ILE B 89 6.05 7.69 -7.99
C ILE B 89 7.47 8.20 -7.83
N LEU B 90 7.64 9.26 -7.04
CA LEU B 90 8.97 9.77 -6.72
C LEU B 90 9.81 8.72 -6.00
N MET B 91 9.18 8.04 -5.04
CA MET B 91 9.89 7.04 -4.24
C MET B 91 10.32 5.82 -5.03
N ILE B 92 9.42 5.27 -5.84
CA ILE B 92 9.75 4.08 -6.63
C ILE B 92 10.83 4.41 -7.67
N GLY B 93 10.83 5.66 -8.13
CA GLY B 93 11.88 6.13 -9.01
C GLY B 93 13.19 6.21 -8.26
N LEU B 94 13.13 6.75 -7.04
CA LEU B 94 14.30 6.83 -6.18
C LEU B 94 14.87 5.46 -5.88
N VAL B 95 13.98 4.55 -5.49
CA VAL B 95 14.36 3.18 -5.17
C VAL B 95 15.01 2.49 -6.37
N TRP B 96 14.46 2.74 -7.55
CA TRP B 96 14.98 2.18 -8.79
C TRP B 96 16.39 2.68 -9.11
N ARG B 97 16.63 3.99 -8.89
CA ARG B 97 17.93 4.58 -9.18
C ARG B 97 18.99 4.04 -8.23
N SER B 98 18.59 3.73 -7.00
CA SER B 98 19.53 3.34 -5.95
C SER B 98 19.72 1.83 -5.91
N MET B 99 19.16 1.14 -6.90
CA MET B 99 19.11 -0.32 -6.92
C MET B 99 20.50 -0.97 -6.91
N GLU B 100 21.42 -0.40 -7.67
CA GLU B 100 22.78 -0.94 -7.75
C GLU B 100 23.75 -0.17 -6.87
N HIS B 101 23.20 0.50 -5.86
CA HIS B 101 24.01 1.22 -4.87
C HIS B 101 23.62 0.80 -3.46
N PRO B 102 24.07 -0.39 -3.03
CA PRO B 102 23.70 -0.98 -1.74
C PRO B 102 24.06 -0.08 -0.55
N GLY B 103 23.08 0.19 0.31
CA GLY B 103 23.30 1.01 1.49
C GLY B 103 23.18 2.50 1.19
N LYS B 104 22.90 2.83 -0.06
CA LYS B 104 22.82 4.22 -0.48
C LYS B 104 21.51 4.54 -1.19
N LEU B 105 21.12 5.81 -1.15
CA LEU B 105 19.98 6.29 -1.91
C LEU B 105 20.44 7.32 -2.94
N LEU B 106 20.22 7.03 -4.22
CA LEU B 106 20.63 7.93 -5.28
C LEU B 106 19.52 8.91 -5.61
N PHE B 107 19.42 9.99 -4.83
CA PHE B 107 18.46 11.05 -5.09
C PHE B 107 18.81 11.74 -6.40
N ALA B 108 20.10 11.80 -6.67
CA ALA B 108 20.63 12.37 -7.91
C ALA B 108 22.02 11.78 -8.15
N PRO B 109 22.47 11.75 -9.42
CA PRO B 109 23.80 11.21 -9.72
C PRO B 109 24.91 11.89 -8.92
N ASN B 110 24.69 13.15 -8.56
CA ASN B 110 25.65 13.90 -7.74
C ASN B 110 25.20 14.00 -6.29
N LEU B 111 24.15 13.26 -5.94
CA LEU B 111 23.62 13.28 -4.58
C LEU B 111 23.34 11.87 -4.07
N LEU B 112 24.34 11.29 -3.40
CA LEU B 112 24.23 9.94 -2.87
C LEU B 112 24.21 9.98 -1.35
N LEU B 113 23.05 9.68 -0.76
CA LEU B 113 22.89 9.79 0.68
C LEU B 113 22.97 8.44 1.40
N ASP B 114 23.61 8.46 2.56
CA ASP B 114 23.80 7.27 3.37
C ASP B 114 22.73 7.15 4.45
N ARG B 115 22.76 6.08 5.22
CA ARG B 115 21.80 5.89 6.30
C ARG B 115 22.08 6.89 7.43
N ASN B 116 23.36 7.20 7.62
CA ASN B 116 23.77 8.15 8.65
C ASN B 116 23.30 9.57 8.35
N GLN B 117 23.42 9.97 7.09
CA GLN B 117 22.97 11.29 6.65
C GLN B 117 21.46 11.39 6.70
N GLY B 118 20.95 12.42 7.37
CA GLY B 118 19.52 12.63 7.50
C GLY B 118 18.94 11.88 8.68
N VAL B 121 17.91 14.63 10.09
CA VAL B 121 16.52 15.05 10.21
C VAL B 121 15.74 14.11 11.12
N GLU B 122 15.03 14.67 12.09
CA GLU B 122 14.29 13.87 13.06
C GLU B 122 13.11 13.14 12.42
N GLY B 123 13.31 11.85 12.14
CA GLY B 123 12.26 11.03 11.57
C GLY B 123 12.54 10.61 10.13
N MET B 124 13.74 10.91 9.66
CA MET B 124 14.11 10.60 8.29
C MET B 124 14.72 9.20 8.16
N VAL B 125 15.41 8.77 9.21
CA VAL B 125 16.07 7.46 9.20
C VAL B 125 15.09 6.31 9.07
N GLU B 126 13.89 6.48 9.62
CA GLU B 126 12.85 5.48 9.50
C GLU B 126 12.42 5.31 8.05
N ILE B 127 12.26 6.45 7.37
CA ILE B 127 11.85 6.45 5.97
C ILE B 127 12.98 5.97 5.07
N PHE B 128 14.21 6.37 5.39
CA PHE B 128 15.39 5.94 4.64
C PHE B 128 15.54 4.42 4.66
N ASP B 129 15.39 3.83 5.84
CA ASP B 129 15.53 2.38 6.00
C ASP B 129 14.52 1.62 5.16
N MET B 130 13.28 2.08 5.18
CA MET B 130 12.22 1.45 4.38
C MET B 130 12.53 1.60 2.90
N LEU B 131 13.06 2.76 2.51
CA LEU B 131 13.46 3.00 1.13
C LEU B 131 14.63 2.10 0.74
N LEU B 132 15.61 2.00 1.63
CA LEU B 132 16.75 1.12 1.42
C LEU B 132 16.31 -0.33 1.32
N ALA B 133 15.38 -0.72 2.18
CA ALA B 133 14.84 -2.08 2.19
C ALA B 133 14.14 -2.41 0.88
N THR B 134 13.40 -1.43 0.35
CA THR B 134 12.73 -1.60 -0.92
C THR B 134 13.74 -1.76 -2.04
N SER B 135 14.79 -0.95 -2.01
CA SER B 135 15.87 -1.03 -2.99
C SER B 135 16.58 -2.38 -2.95
N SER B 136 16.81 -2.86 -1.73
CA SER B 136 17.44 -4.15 -1.53
C SER B 136 16.54 -5.28 -2.03
N ARG B 137 15.23 -5.06 -1.96
CA ARG B 137 14.25 -6.04 -2.42
C ARG B 137 14.25 -6.12 -3.95
N PHE B 138 14.32 -4.97 -4.61
CA PHE B 138 14.40 -4.93 -6.07
C PHE B 138 15.66 -5.63 -6.56
N ARG B 139 16.74 -5.47 -5.81
CA ARG B 139 18.04 -6.04 -6.17
C ARG B 139 18.01 -7.56 -6.12
N MET B 140 17.41 -8.11 -5.07
CA MET B 140 17.30 -9.56 -4.90
C MET B 140 16.36 -10.16 -5.93
N MET B 141 15.35 -9.40 -6.33
CA MET B 141 14.40 -9.86 -7.34
C MET B 141 14.93 -9.67 -8.75
N ASN B 142 16.02 -8.93 -8.87
CA ASN B 142 16.60 -8.58 -10.17
C ASN B 142 15.56 -7.90 -11.06
N LEU B 143 14.99 -6.82 -10.55
CA LEU B 143 13.93 -6.09 -11.24
C LEU B 143 14.43 -5.52 -12.57
N GLN B 144 13.66 -5.75 -13.62
CA GLN B 144 13.99 -5.26 -14.94
C GLN B 144 13.34 -3.91 -15.20
N GLY B 145 13.95 -3.10 -16.07
CA GLY B 145 13.43 -1.80 -16.41
C GLY B 145 12.03 -1.86 -17.01
N GLU B 146 11.75 -2.94 -17.72
CA GLU B 146 10.43 -3.13 -18.33
C GLU B 146 9.37 -3.38 -17.28
N GLU B 147 9.76 -4.02 -16.19
CA GLU B 147 8.84 -4.27 -15.07
C GLU B 147 8.65 -3.02 -14.24
N PHE B 148 9.73 -2.25 -14.08
CA PHE B 148 9.70 -1.02 -13.30
C PHE B 148 8.73 0.01 -13.87
N VAL B 149 8.83 0.25 -15.17
CA VAL B 149 7.98 1.25 -15.83
C VAL B 149 6.51 0.84 -15.79
N CYS B 150 6.26 -0.48 -15.75
CA CYS B 150 4.90 -0.98 -15.61
C CYS B 150 4.36 -0.73 -14.21
N LEU B 151 5.19 -1.01 -13.20
CA LEU B 151 4.79 -0.80 -11.81
C LEU B 151 4.51 0.66 -11.52
N LYS B 152 5.37 1.54 -12.04
CA LYS B 152 5.23 2.97 -11.83
C LYS B 152 3.93 3.49 -12.43
N SER B 153 3.55 2.95 -13.58
CA SER B 153 2.30 3.33 -14.24
C SER B 153 1.09 2.77 -13.50
N ILE B 154 1.26 1.58 -12.93
CA ILE B 154 0.20 0.96 -12.13
C ILE B 154 -0.12 1.84 -10.92
N ILE B 155 0.92 2.34 -10.25
CA ILE B 155 0.76 3.22 -9.10
C ILE B 155 -0.03 4.48 -9.46
N LEU B 156 0.26 5.04 -10.64
CA LEU B 156 -0.41 6.25 -11.09
C LEU B 156 -1.92 6.05 -11.26
N LEU B 157 -2.29 4.92 -11.83
CA LEU B 157 -3.70 4.64 -12.13
C LEU B 157 -4.44 4.03 -10.96
N ASN B 158 -3.72 3.34 -10.08
CA ASN B 158 -4.36 2.61 -8.98
C ASN B 158 -4.51 3.42 -7.70
N SER B 159 -3.48 4.16 -7.33
CA SER B 159 -3.40 4.77 -5.99
C SER B 159 -4.55 5.72 -5.65
N GLY B 160 -5.28 6.18 -6.67
CA GLY B 160 -6.40 7.06 -6.44
C GLY B 160 -7.66 6.64 -7.18
N VAL B 161 -7.79 5.34 -7.41
CA VAL B 161 -8.90 4.82 -8.20
C VAL B 161 -10.12 4.53 -7.31
N TYR B 162 -9.90 4.34 -6.02
CA TYR B 162 -10.99 4.04 -5.10
C TYR B 162 -11.33 5.26 -4.23
N THR B 163 -10.67 6.37 -4.51
CA THR B 163 -10.95 7.62 -3.80
C THR B 163 -11.60 8.63 -4.73
N LYS B 175 -13.52 4.82 -14.44
CA LYS B 175 -12.97 3.85 -13.50
C LYS B 175 -12.85 2.48 -14.14
N ASP B 176 -13.89 2.09 -14.87
CA ASP B 176 -13.90 0.82 -15.59
C ASP B 176 -12.89 0.87 -16.73
N HIS B 177 -12.58 2.07 -17.20
CA HIS B 177 -11.55 2.26 -18.21
C HIS B 177 -10.17 2.19 -17.56
N ILE B 178 -10.07 2.75 -16.35
CA ILE B 178 -8.82 2.71 -15.59
C ILE B 178 -8.47 1.27 -15.23
N HIS B 179 -9.48 0.52 -14.78
CA HIS B 179 -9.30 -0.89 -14.46
C HIS B 179 -9.01 -1.69 -15.73
N ARG B 180 -9.48 -1.19 -16.87
CA ARG B 180 -9.22 -1.82 -18.15
C ARG B 180 -7.75 -1.68 -18.52
N VAL B 181 -7.22 -0.47 -18.34
CA VAL B 181 -5.81 -0.21 -18.59
C VAL B 181 -4.95 -0.99 -17.60
N LEU B 182 -5.40 -1.04 -16.35
CA LEU B 182 -4.70 -1.79 -15.31
C LEU B 182 -4.58 -3.27 -15.68
N ASP B 183 -5.67 -3.84 -16.17
CA ASP B 183 -5.66 -5.22 -16.64
C ASP B 183 -4.69 -5.39 -17.81
N LYS B 184 -4.57 -4.37 -18.63
CA LYS B 184 -3.65 -4.40 -19.77
C LYS B 184 -2.19 -4.39 -19.32
N ILE B 185 -1.92 -3.66 -18.23
CA ILE B 185 -0.57 -3.60 -17.69
C ILE B 185 -0.21 -4.92 -17.03
N THR B 186 -1.21 -5.58 -16.45
CA THR B 186 -1.04 -6.90 -15.87
C THR B 186 -0.60 -7.89 -16.95
N ASP B 187 -1.34 -7.89 -18.06
CA ASP B 187 -1.01 -8.74 -19.21
C ASP B 187 0.39 -8.44 -19.71
N THR B 188 0.74 -7.16 -19.70
CA THR B 188 2.07 -6.72 -20.14
C THR B 188 3.17 -7.30 -19.26
N LEU B 189 2.94 -7.30 -17.95
CA LEU B 189 3.89 -7.85 -16.99
C LEU B 189 4.09 -9.35 -17.18
N ILE B 190 2.98 -10.07 -17.27
CA ILE B 190 3.02 -11.51 -17.49
C ILE B 190 3.72 -11.87 -18.79
N HIS B 191 3.46 -11.07 -19.83
CA HIS B 191 4.09 -11.28 -21.14
C HIS B 191 5.61 -11.16 -21.05
N LEU B 192 6.08 -10.21 -20.25
CA LEU B 192 7.51 -10.02 -20.04
C LEU B 192 8.12 -11.22 -19.32
N MET B 193 7.43 -11.70 -18.30
CA MET B 193 7.91 -12.83 -17.50
C MET B 193 7.95 -14.12 -18.32
N ALA B 194 6.94 -14.31 -19.17
CA ALA B 194 6.89 -15.46 -20.06
C ALA B 194 8.07 -15.41 -21.03
N LYS B 195 8.35 -14.22 -21.52
CA LYS B 195 9.50 -14.00 -22.40
C LYS B 195 10.80 -14.28 -21.68
N ALA B 196 10.84 -13.96 -20.38
CA ALA B 196 12.04 -14.15 -19.57
C ALA B 196 12.31 -15.62 -19.25
N GLY B 197 11.38 -16.48 -19.64
CA GLY B 197 11.57 -17.91 -19.48
C GLY B 197 11.02 -18.48 -18.18
N LEU B 198 10.22 -17.69 -17.47
CA LEU B 198 9.62 -18.14 -16.21
C LEU B 198 8.43 -19.06 -16.47
N THR B 199 8.30 -20.08 -15.63
CA THR B 199 7.16 -20.99 -15.72
C THR B 199 5.90 -20.27 -15.24
N LEU B 200 4.74 -20.89 -15.47
CA LEU B 200 3.45 -20.27 -15.15
C LEU B 200 3.34 -19.91 -13.66
N GLN B 201 3.80 -20.79 -12.79
CA GLN B 201 3.70 -20.53 -11.36
C GLN B 201 4.75 -19.50 -10.92
N GLN B 202 5.85 -19.42 -11.67
CA GLN B 202 6.89 -18.44 -11.38
C GLN B 202 6.43 -17.03 -11.79
N GLN B 203 5.60 -16.97 -12.82
CA GLN B 203 5.05 -15.71 -13.28
C GLN B 203 4.06 -15.15 -12.25
N HIS B 204 3.19 -16.01 -11.75
CA HIS B 204 2.20 -15.63 -10.76
C HIS B 204 2.86 -15.14 -9.48
N GLN B 205 3.88 -15.88 -9.04
CA GLN B 205 4.61 -15.54 -7.82
C GLN B 205 5.33 -14.20 -7.95
N ARG B 206 6.05 -14.02 -9.05
CA ARG B 206 6.77 -12.77 -9.28
C ARG B 206 5.80 -11.61 -9.44
N LEU B 207 4.70 -11.84 -10.14
CA LEU B 207 3.66 -10.84 -10.30
C LEU B 207 3.11 -10.43 -8.93
N ALA B 208 2.87 -11.42 -8.08
CA ALA B 208 2.40 -11.16 -6.73
C ALA B 208 3.44 -10.41 -5.92
N GLN B 209 4.69 -10.81 -6.05
CA GLN B 209 5.79 -10.18 -5.33
C GLN B 209 5.93 -8.71 -5.68
N LEU B 210 5.82 -8.39 -6.97
CA LEU B 210 5.95 -7.01 -7.43
C LEU B 210 4.84 -6.11 -6.90
N LEU B 211 3.62 -6.62 -6.89
CA LEU B 211 2.46 -5.83 -6.50
C LEU B 211 2.33 -5.69 -4.99
N LEU B 212 2.95 -6.61 -4.25
CA LEU B 212 2.95 -6.53 -2.80
C LEU B 212 3.88 -5.40 -2.34
N ILE B 213 4.91 -5.12 -3.13
CA ILE B 213 5.85 -4.06 -2.83
C ILE B 213 5.19 -2.70 -2.92
N LEU B 214 4.20 -2.58 -3.81
CA LEU B 214 3.47 -1.34 -3.99
C LEU B 214 2.69 -0.97 -2.72
N SER B 215 2.30 -1.98 -1.95
CA SER B 215 1.64 -1.75 -0.68
C SER B 215 2.60 -1.06 0.29
N HIS B 216 3.87 -1.43 0.21
CA HIS B 216 4.91 -0.87 1.06
CA HIS B 216 4.89 -0.86 1.07
C HIS B 216 5.29 0.54 0.60
N ILE B 217 5.31 0.73 -0.71
CA ILE B 217 5.59 2.04 -1.28
C ILE B 217 4.50 3.00 -0.85
N ARG B 218 3.26 2.51 -0.82
CA ARG B 218 2.14 3.29 -0.32
C ARG B 218 2.36 3.67 1.14
N HIS B 219 2.87 2.72 1.91
CA HIS B 219 3.14 2.92 3.33
C HIS B 219 4.21 3.99 3.55
N MET B 220 5.29 3.91 2.77
CA MET B 220 6.36 4.88 2.85
C MET B 220 5.86 6.27 2.47
N SER B 221 5.00 6.32 1.46
CA SER B 221 4.43 7.58 0.98
C SER B 221 3.62 8.28 2.06
N ASN B 222 2.75 7.52 2.72
CA ASN B 222 1.94 8.06 3.80
C ASN B 222 2.81 8.55 4.96
N LYS B 223 3.85 7.79 5.26
CA LYS B 223 4.81 8.19 6.29
C LYS B 223 5.60 9.42 5.83
N GLY B 224 6.01 9.42 4.57
CA GLY B 224 6.74 10.54 4.01
C GLY B 224 5.89 11.79 3.91
N MET B 225 4.63 11.61 3.57
CA MET B 225 3.69 12.73 3.44
C MET B 225 3.50 13.42 4.78
N GLU B 226 3.41 12.63 5.84
CA GLU B 226 3.21 13.18 7.18
C GLU B 226 4.45 13.94 7.65
N HIS B 227 5.61 13.50 7.18
CA HIS B 227 6.86 14.18 7.50
C HIS B 227 6.92 15.55 6.83
N LEU B 228 6.42 15.62 5.61
CA LEU B 228 6.39 16.88 4.85
C LEU B 228 5.44 17.88 5.48
N TYR B 229 4.28 17.39 5.92
CA TYR B 229 3.30 18.25 6.58
C TYR B 229 3.85 18.75 7.91
N SER B 230 4.65 17.91 8.56
CA SER B 230 5.33 18.29 9.80
C SER B 230 6.35 19.38 9.53
N MET B 231 7.06 19.25 8.41
CA MET B 231 8.08 20.23 8.02
C MET B 231 7.44 21.55 7.60
N LYS B 232 6.25 21.47 7.01
CA LYS B 232 5.53 22.64 6.55
C LYS B 232 5.10 23.54 7.71
N CYS B 233 4.36 22.96 8.65
CA CYS B 233 3.83 23.72 9.78
C CYS B 233 4.94 24.24 10.69
N LYS B 234 6.07 23.56 10.68
CA LYS B 234 7.21 23.98 11.48
C LYS B 234 7.96 25.13 10.81
N ASN B 235 7.60 25.40 9.56
CA ASN B 235 8.20 26.48 8.79
C ASN B 235 9.72 26.35 8.71
N VAL B 236 10.18 25.13 8.48
CA VAL B 236 11.62 24.85 8.36
C VAL B 236 12.16 25.46 7.07
N VAL B 237 12.25 24.63 6.04
CA VAL B 237 12.63 25.11 4.72
C VAL B 237 11.36 25.28 3.88
N PRO B 238 11.21 26.45 3.24
CA PRO B 238 10.01 26.74 2.45
C PRO B 238 9.79 25.76 1.30
N LEU B 239 8.59 25.21 1.22
CA LEU B 239 8.20 24.34 0.13
C LEU B 239 7.82 25.16 -1.09
N SER B 240 8.03 24.61 -2.27
CA SER B 240 7.63 25.27 -3.51
C SER B 240 6.10 25.35 -3.58
N ASP B 241 5.60 26.24 -4.43
CA ASP B 241 4.16 26.47 -4.54
C ASP B 241 3.42 25.22 -5.02
N LEU B 242 4.07 24.42 -5.86
CA LEU B 242 3.46 23.19 -6.36
C LEU B 242 3.45 22.12 -5.28
N LEU B 243 4.56 21.98 -4.57
CA LEU B 243 4.67 20.98 -3.50
C LEU B 243 3.69 21.26 -2.37
N LEU B 244 3.39 22.54 -2.14
CA LEU B 244 2.39 22.92 -1.15
C LEU B 244 1.00 22.45 -1.57
N GLU B 245 0.72 22.57 -2.86
CA GLU B 245 -0.56 22.14 -3.42
C GLU B 245 -0.71 20.62 -3.36
N MET B 246 0.35 19.91 -3.74
CA MET B 246 0.32 18.44 -3.74
C MET B 246 0.19 17.91 -2.31
N LEU B 247 0.76 18.64 -1.36
CA LEU B 247 0.75 18.23 0.03
C LEU B 247 -0.61 18.52 0.69
N ASP B 248 -1.22 19.64 0.30
CA ASP B 248 -2.51 20.04 0.84
C ASP B 248 -3.62 19.06 0.43
N ALA B 249 -3.46 18.42 -0.72
CA ALA B 249 -4.47 17.50 -1.24
C ALA B 249 -4.60 16.25 -0.38
N HIS B 250 -3.62 16.02 0.49
CA HIS B 250 -3.64 14.87 1.39
C HIS B 250 -4.17 15.25 2.77
N ARG B 251 -4.15 16.55 3.07
CA ARG B 251 -4.66 17.09 4.32
C ARG B 251 -4.06 16.41 5.55
N HIS C 2 8.04 -5.21 28.98
CA HIS C 2 7.61 -6.00 27.84
C HIS C 2 6.15 -5.72 27.49
N LYS C 3 5.76 -6.06 26.27
CA LYS C 3 4.42 -5.76 25.77
C LYS C 3 3.41 -6.86 26.12
N ILE C 4 2.15 -6.48 26.15
CA ILE C 4 1.05 -7.42 26.40
C ILE C 4 0.97 -8.44 25.27
N LEU C 5 1.24 -7.98 24.05
CA LEU C 5 1.19 -8.81 22.86
C LEU C 5 2.08 -10.05 22.98
N HIS C 6 3.13 -9.94 23.78
CA HIS C 6 4.02 -11.06 24.05
C HIS C 6 3.28 -12.21 24.72
N ARG C 7 2.50 -11.88 25.75
CA ARG C 7 1.78 -12.89 26.52
C ARG C 7 0.72 -13.60 25.68
N LEU C 8 -0.05 -12.81 24.93
CA LEU C 8 -1.16 -13.34 24.14
C LEU C 8 -0.66 -14.23 23.00
N LEU C 9 0.56 -13.99 22.56
CA LEU C 9 1.17 -14.82 21.52
C LEU C 9 1.77 -16.09 22.09
N GLN C 10 2.03 -16.09 23.39
CA GLN C 10 2.58 -17.26 24.08
C GLN C 10 1.48 -18.13 24.68
N ASP C 11 0.38 -17.49 25.07
CA ASP C 11 -0.74 -18.20 25.67
C ASP C 11 -1.94 -18.25 24.73
N LYS D 3 -5.02 26.26 -9.65
CA LYS D 3 -4.20 25.12 -9.29
C LYS D 3 -3.07 24.90 -10.30
N ILE D 4 -1.84 24.84 -9.80
CA ILE D 4 -0.66 24.65 -10.65
C ILE D 4 -0.73 23.33 -11.42
N LEU D 5 -1.11 22.27 -10.71
CA LEU D 5 -1.23 20.96 -11.31
C LEU D 5 -2.26 20.96 -12.44
N HIS D 6 -3.30 21.79 -12.27
CA HIS D 6 -4.34 21.91 -13.29
C HIS D 6 -3.78 22.57 -14.55
N ARG D 7 -2.93 23.57 -14.37
CA ARG D 7 -2.35 24.30 -15.49
C ARG D 7 -1.33 23.45 -16.25
N LEU D 8 -0.39 22.87 -15.52
CA LEU D 8 0.69 22.09 -16.12
C LEU D 8 0.17 20.88 -16.89
N LEU D 9 -1.02 20.40 -16.50
CA LEU D 9 -1.62 19.26 -17.16
C LEU D 9 -2.28 19.64 -18.49
N GLN D 10 -2.97 20.76 -18.50
CA GLN D 10 -3.79 21.14 -19.65
C GLN D 10 -2.98 21.69 -20.83
N ASP D 11 -1.84 22.31 -20.53
CA ASP D 11 -1.00 22.87 -21.61
C ASP D 11 -0.17 21.76 -22.26
N SER D 12 0.07 21.88 -23.58
CA SER D 12 -0.47 22.97 -24.38
C SER D 12 -1.70 22.53 -25.18
C01 5HZ E . -10.13 3.68 12.55
C02 5HZ E . -10.53 3.35 11.16
C03 5HZ E . -11.36 2.13 11.06
C04 5HZ E . -12.50 2.12 12.04
C05 5HZ E . -13.50 3.22 11.71
C06 5HZ E . -13.33 4.67 12.41
C07 5HZ E . -12.09 4.80 13.46
C08 5HZ E . -11.23 3.56 13.56
C09 5HZ E . -12.09 2.34 13.44
C10 5HZ E . -11.51 1.09 14.16
C11 5HZ E . -11.14 1.35 15.59
C12 5HZ E . -12.09 -0.28 13.90
C13 5HZ E . -9.98 0.83 16.04
C14 5HZ E . -9.61 1.06 17.31
C15 5HZ E . -10.38 1.81 18.14
C16 5HZ E . -11.53 2.36 17.72
C17 5HZ E . -11.90 2.13 16.44
C18 5HZ E . -12.81 -0.96 14.86
C19 5HZ E . -13.29 -2.20 14.62
C20 5HZ E . -13.05 -2.78 13.40
C21 5HZ E . -12.36 -2.11 12.45
C22 5HZ E . -11.89 -0.86 12.70
O01 5HZ E . -13.50 -4.02 13.08
O02 5HZ E . -9.90 1.98 19.40
C01 5HZ F . 13.40 11.66 1.75
C02 5HZ F . 12.90 12.32 2.97
C03 5HZ F . 11.98 13.44 2.67
C04 5HZ F . 10.94 13.11 1.63
C05 5HZ F . 9.96 12.09 2.24
C06 5HZ F . 10.12 10.54 1.77
C07 5HZ F . 11.51 10.23 1.01
C08 5HZ F . 12.37 11.43 0.65
C09 5HZ F . 11.46 12.58 0.35
C10 5HZ F . 12.02 13.61 -0.63
C11 5HZ F . 12.22 13.07 -2.03
C12 5HZ F . 11.33 14.93 -0.64
C13 5HZ F . 12.76 13.87 -3.00
C14 5HZ F . 12.96 13.43 -4.27
C15 5HZ F . 12.62 12.17 -4.57
C16 5HZ F . 12.08 11.35 -3.62
C17 5HZ F . 11.89 11.80 -2.36
C18 5HZ F . 10.14 15.12 -1.28
C19 5HZ F . 9.57 16.36 -1.27
C20 5HZ F . 10.19 17.37 -0.60
C21 5HZ F . 11.38 17.19 0.04
C22 5HZ F . 11.95 15.96 0.02
O01 5HZ F . 9.64 18.61 -0.57
O02 5HZ F . 12.81 11.69 -5.84
#